data_8E6B
#
_entry.id   8E6B
#
_cell.length_a   49.651
_cell.length_b   105.943
_cell.length_c   58.213
_cell.angle_alpha   90.00
_cell.angle_beta   108.89
_cell.angle_gamma   90.00
#
_symmetry.space_group_name_H-M   'P 1 21 1'
#
loop_
_entity.id
_entity.type
_entity.pdbx_description
1 polymer 'Orf1a protein'
2 non-polymer N~2~-(ethoxycarbonyl)-N-{(1S,2S)-1-hydroxy-3-[(3S)-2-oxopyrrolidin-3-yl]-1-sulfanylpropan-2-yl}-L-leucinamide
3 non-polymer '(2~{S})-2-[[(2~{S})-4-methyl-2-[[2-methyl-2-[oxidanyl(phenyl)-$l^{3}-sulfanyl]propoxy]carbonylamino]pentanoyl]amino]-1-oxidanyl-3-[(3~{S})-2-oxidanylidenepyrrolidin-3-yl]propane-1-sulfonic acid'
4 water water
#
_entity_poly.entity_id   1
_entity_poly.type   'polypeptide(L)'
_entity_poly.pdbx_seq_one_letter_code
;MHHHHHHSGLVKMSHPSGDVEACMVQVTCGSMTLNGLWLDNTVWCPRHVMCPADQLSDPNYDALLISMTNHSFSVQKHIG
APANLRVVGHAMQGTLLKLTVDVANPSTPAYTFTTVKPGAAFSVLACYNGRPTGTFTVVMRPNYTIKGSFLCGSCGSVGY
TKEGSVINFCYMHQMELANGTHTGSAFDGTMYGAFMDKQVHQVQLTDKYCSVNVVAWLYAAILNGCAWFVKPNRTSVVSF
NEWALANQFTEFVGTQSVDMLAVKTGVAIEQLLYAIQQLYTGFQGKQILGSTMLEDEFTPEDVNMQIMGVVMQ
;
_entity_poly.pdbx_strand_id   A,B
#
# COMPACT_ATOMS: atom_id res chain seq x y z
N HIS A 6 31.95 21.49 -6.01
CA HIS A 6 31.00 21.43 -7.11
C HIS A 6 29.62 20.96 -6.65
N HIS A 7 28.63 21.83 -6.78
CA HIS A 7 27.26 21.52 -6.36
C HIS A 7 26.57 20.63 -7.39
N SER A 8 25.85 19.62 -6.89
CA SER A 8 25.21 18.64 -7.77
C SER A 8 24.07 19.22 -8.59
N GLY A 9 23.50 20.33 -8.14
CA GLY A 9 22.25 20.81 -8.72
C GLY A 9 21.01 20.15 -8.15
N LEU A 10 21.13 19.35 -7.11
CA LEU A 10 20.00 18.67 -6.50
C LEU A 10 19.62 19.39 -5.21
N VAL A 11 18.33 19.66 -5.05
CA VAL A 11 17.77 20.13 -3.79
C VAL A 11 16.57 19.26 -3.46
N LYS A 12 16.13 19.35 -2.22
CA LYS A 12 14.86 18.76 -1.83
C LYS A 12 13.76 19.64 -2.40
N MET A 13 13.12 19.21 -3.49
N MET A 13 13.19 19.24 -3.52
CA MET A 13 12.20 20.04 -4.26
CA MET A 13 12.19 20.03 -4.20
C MET A 13 10.75 19.59 -4.02
C MET A 13 10.81 19.55 -3.82
N SER A 14 9.96 20.48 -3.42
CA SER A 14 8.54 20.22 -3.21
C SER A 14 7.72 20.84 -4.34
N HIS A 15 6.49 20.35 -4.51
CA HIS A 15 5.58 21.00 -5.42
C HIS A 15 5.17 22.37 -4.86
N PRO A 16 4.80 23.31 -5.73
CA PRO A 16 4.17 24.54 -5.21
C PRO A 16 2.90 24.16 -4.45
N SER A 17 2.70 24.79 -3.29
CA SER A 17 1.68 24.31 -2.36
C SER A 17 0.35 25.06 -2.43
N GLY A 18 0.23 26.08 -3.27
CA GLY A 18 -0.94 26.96 -3.23
C GLY A 18 -2.26 26.23 -3.39
N ASP A 19 -2.31 25.27 -4.33
CA ASP A 19 -3.57 24.57 -4.60
C ASP A 19 -4.02 23.79 -3.38
N VAL A 20 -3.09 23.26 -2.60
CA VAL A 20 -3.43 22.48 -1.41
C VAL A 20 -3.72 23.41 -0.23
N GLU A 21 -2.99 24.52 -0.13
CA GLU A 21 -3.28 25.50 0.92
C GLU A 21 -4.76 25.86 0.94
N ALA A 22 -5.36 26.04 -0.23
CA ALA A 22 -6.76 26.46 -0.34
C ALA A 22 -7.75 25.37 0.09
N CYS A 23 -7.25 24.19 0.44
CA CYS A 23 -8.10 23.11 0.90
C CYS A 23 -7.97 22.83 2.38
N MET A 24 -7.04 23.46 3.09
CA MET A 24 -6.87 23.17 4.51
C MET A 24 -7.86 23.89 5.40
N VAL A 25 -8.39 23.15 6.36
CA VAL A 25 -9.31 23.66 7.36
C VAL A 25 -8.87 23.18 8.74
N GLN A 26 -9.46 23.80 9.76
CA GLN A 26 -9.32 23.35 11.13
C GLN A 26 -10.57 22.59 11.50
N VAL A 27 -10.41 21.41 12.09
CA VAL A 27 -11.53 20.60 12.59
C VAL A 27 -11.43 20.53 14.09
N THR A 28 -12.50 20.89 14.79
CA THR A 28 -12.55 20.80 16.24
C THR A 28 -13.68 19.87 16.63
N CYS A 29 -13.40 18.97 17.56
CA CYS A 29 -14.42 18.09 18.14
C CYS A 29 -14.27 18.27 19.63
N GLY A 30 -15.10 19.14 20.20
CA GLY A 30 -15.05 19.40 21.63
C GLY A 30 -13.71 19.98 22.05
N SER A 31 -13.01 19.26 22.92
CA SER A 31 -11.71 19.69 23.44
C SER A 31 -10.55 19.41 22.49
N MET A 32 -10.78 18.75 21.36
CA MET A 32 -9.70 18.33 20.48
C MET A 32 -9.77 19.11 19.18
N THR A 33 -8.61 19.47 18.64
CA THR A 33 -8.55 20.16 17.36
C THR A 33 -7.34 19.68 16.57
N LEU A 34 -7.46 19.73 15.26
CA LEU A 34 -6.38 19.36 14.34
C LEU A 34 -6.77 19.87 12.96
N ASN A 35 -6.06 19.42 11.93
CA ASN A 35 -6.28 19.92 10.58
C ASN A 35 -7.14 18.94 9.77
N GLY A 36 -7.82 19.50 8.77
CA GLY A 36 -8.53 18.68 7.81
C GLY A 36 -8.31 19.17 6.38
N LEU A 37 -8.75 18.34 5.45
CA LEU A 37 -8.63 18.59 4.01
C LEU A 37 -10.02 18.65 3.41
N TRP A 38 -10.36 19.79 2.81
CA TRP A 38 -11.70 20.05 2.31
C TRP A 38 -11.68 19.93 0.79
N LEU A 39 -12.32 18.89 0.26
CA LEU A 39 -12.40 18.64 -1.17
C LEU A 39 -13.86 18.38 -1.51
N ASP A 40 -14.39 19.07 -2.51
CA ASP A 40 -15.81 18.89 -2.86
C ASP A 40 -16.62 19.13 -1.59
N ASN A 41 -17.56 18.25 -1.24
CA ASN A 41 -18.39 18.41 -0.05
C ASN A 41 -17.88 17.59 1.14
N THR A 42 -16.62 17.17 1.09
CA THR A 42 -16.06 16.31 2.12
C THR A 42 -14.88 16.97 2.83
N VAL A 43 -14.82 16.81 4.14
CA VAL A 43 -13.64 17.20 4.92
C VAL A 43 -13.08 15.92 5.53
N TRP A 44 -11.81 15.63 5.23
CA TRP A 44 -11.09 14.49 5.76
C TRP A 44 -10.24 14.91 6.95
N CYS A 45 -10.21 14.11 8.01
CA CYS A 45 -9.32 14.42 9.11
C CYS A 45 -9.07 13.13 9.90
N PRO A 46 -8.02 13.12 10.73
CA PRO A 46 -7.75 11.91 11.54
C PRO A 46 -8.87 11.66 12.55
N ARG A 47 -9.22 10.39 12.71
CA ARG A 47 -10.36 10.08 13.56
C ARG A 47 -10.07 10.32 15.04
N HIS A 48 -8.79 10.43 15.43
CA HIS A 48 -8.54 10.62 16.86
C HIS A 48 -8.90 12.02 17.35
N VAL A 49 -9.37 12.91 16.47
CA VAL A 49 -9.97 14.15 16.93
C VAL A 49 -11.17 13.88 17.81
N MET A 50 -11.71 12.67 17.75
CA MET A 50 -12.91 12.29 18.48
C MET A 50 -12.60 11.88 19.91
N CYS A 51 -11.34 11.66 20.23
CA CYS A 51 -10.97 10.91 21.42
C CYS A 51 -10.50 11.86 22.52
N PRO A 52 -11.05 11.73 23.73
CA PRO A 52 -10.53 12.54 24.85
C PRO A 52 -9.05 12.25 25.10
N ALA A 53 -8.36 13.23 25.68
CA ALA A 53 -6.92 13.15 25.82
C ALA A 53 -6.49 11.96 26.65
N ASP A 54 -7.13 11.75 27.80
CA ASP A 54 -6.80 10.60 28.66
C ASP A 54 -7.57 9.35 28.23
N GLN A 55 -7.49 9.04 26.94
CA GLN A 55 -8.19 7.90 26.37
C GLN A 55 -7.53 7.45 25.07
N LEU A 56 -6.57 8.25 24.60
CA LEU A 56 -5.90 7.94 23.34
C LEU A 56 -5.12 6.63 23.39
N SER A 57 -4.89 6.07 24.59
CA SER A 57 -4.14 4.82 24.68
C SER A 57 -4.96 3.62 24.23
N ASP A 58 -6.27 3.64 24.46
CA ASP A 58 -7.14 2.52 24.11
C ASP A 58 -8.55 3.04 23.83
N PRO A 59 -8.75 3.68 22.68
CA PRO A 59 -10.08 4.17 22.32
C PRO A 59 -10.92 3.10 21.65
N ASN A 60 -12.24 3.27 21.76
CA ASN A 60 -13.21 2.51 20.98
C ASN A 60 -13.78 3.48 19.95
N TYR A 61 -13.15 3.52 18.77
CA TYR A 61 -13.55 4.48 17.76
C TYR A 61 -14.96 4.22 17.25
N ASP A 62 -15.42 2.98 17.24
CA ASP A 62 -16.79 2.72 16.81
C ASP A 62 -17.80 3.36 17.75
N ALA A 63 -17.58 3.23 19.06
CA ALA A 63 -18.46 3.86 20.04
C ALA A 63 -18.33 5.37 20.01
N LEU A 64 -17.10 5.89 19.94
CA LEU A 64 -16.95 7.34 19.82
C LEU A 64 -17.73 7.89 18.63
N LEU A 65 -17.64 7.22 17.48
CA LEU A 65 -18.36 7.69 16.31
C LEU A 65 -19.86 7.70 16.56
N ILE A 66 -20.36 6.67 17.24
CA ILE A 66 -21.79 6.58 17.58
C ILE A 66 -22.21 7.76 18.43
N SER A 67 -21.33 8.19 19.34
CA SER A 67 -21.66 9.25 20.28
C SER A 67 -21.66 10.63 19.62
N MET A 68 -21.09 10.75 18.44
CA MET A 68 -21.04 12.05 17.76
C MET A 68 -22.34 12.34 17.03
N THR A 69 -22.65 13.62 16.87
CA THR A 69 -23.66 14.12 15.96
C THR A 69 -22.99 15.10 14.99
N ASN A 70 -23.75 15.57 13.98
CA ASN A 70 -23.16 16.51 13.04
C ASN A 70 -22.70 17.78 13.73
N HIS A 71 -23.46 18.25 14.73
CA HIS A 71 -23.08 19.44 15.46
C HIS A 71 -21.84 19.22 16.34
N SER A 72 -21.38 17.97 16.50
CA SER A 72 -20.18 17.69 17.28
C SER A 72 -18.91 18.21 16.62
N PHE A 73 -18.94 18.50 15.32
CA PHE A 73 -17.74 18.87 14.58
C PHE A 73 -17.87 20.31 14.11
N SER A 74 -16.86 21.13 14.42
CA SER A 74 -16.78 22.48 13.92
C SER A 74 -15.64 22.52 12.91
N VAL A 75 -15.92 23.05 11.72
CA VAL A 75 -14.93 23.10 10.64
C VAL A 75 -14.76 24.54 10.23
N GLN A 76 -13.52 25.04 10.27
CA GLN A 76 -13.25 26.44 9.94
C GLN A 76 -12.14 26.55 8.92
N LYS A 77 -12.38 27.35 7.89
CA LYS A 77 -11.35 27.76 6.95
C LYS A 77 -10.84 29.12 7.42
N HIS A 78 -9.52 29.22 7.68
CA HIS A 78 -8.98 30.46 8.20
C HIS A 78 -8.29 31.31 7.16
N ILE A 79 -7.66 30.70 6.17
CA ILE A 79 -6.88 31.48 5.22
C ILE A 79 -7.75 31.83 4.03
N GLY A 80 -7.28 32.79 3.23
CA GLY A 80 -8.09 33.28 2.12
C GLY A 80 -9.37 33.90 2.64
N ALA A 81 -10.47 33.55 2.01
CA ALA A 81 -11.77 33.98 2.48
C ALA A 81 -12.19 33.05 3.61
N PRO A 82 -12.27 33.54 4.86
CA PRO A 82 -12.65 32.65 5.96
C PRO A 82 -14.05 32.08 5.77
N ALA A 83 -14.26 30.88 6.28
CA ALA A 83 -15.59 30.30 6.25
C ALA A 83 -15.77 29.38 7.44
N ASN A 84 -17.01 29.25 7.89
CA ASN A 84 -17.35 28.22 8.86
C ASN A 84 -18.28 27.25 8.15
N LEU A 85 -17.93 25.97 8.18
CA LEU A 85 -18.59 24.98 7.34
C LEU A 85 -19.55 24.16 8.19
N ARG A 86 -20.79 24.06 7.74
CA ARG A 86 -21.80 23.33 8.49
C ARG A 86 -21.70 21.85 8.11
N VAL A 87 -21.53 20.99 9.12
CA VAL A 87 -21.41 19.55 8.90
C VAL A 87 -22.81 18.96 8.82
N VAL A 88 -23.06 18.19 7.76
CA VAL A 88 -24.38 17.58 7.53
C VAL A 88 -24.31 16.07 7.49
N GLY A 89 -23.15 15.49 7.75
CA GLY A 89 -22.99 14.04 7.78
C GLY A 89 -21.61 13.69 8.30
N HIS A 90 -21.48 12.53 8.94
CA HIS A 90 -20.18 12.10 9.43
C HIS A 90 -20.06 10.59 9.32
N ALA A 91 -18.86 10.14 9.00
CA ALA A 91 -18.59 8.73 8.75
C ALA A 91 -17.11 8.48 8.99
N MET A 92 -16.77 7.23 9.21
CA MET A 92 -15.41 6.81 9.47
C MET A 92 -14.96 5.89 8.34
N GLN A 93 -13.74 6.08 7.87
CA GLN A 93 -13.12 5.14 6.95
C GLN A 93 -11.73 4.83 7.45
N GLY A 94 -11.54 3.62 7.96
CA GLY A 94 -10.28 3.28 8.59
C GLY A 94 -9.97 4.28 9.68
N THR A 95 -8.79 4.90 9.58
CA THR A 95 -8.31 5.82 10.59
C THR A 95 -8.66 7.27 10.29
N LEU A 96 -9.51 7.53 9.30
CA LEU A 96 -9.93 8.87 8.95
C LEU A 96 -11.41 9.06 9.19
N LEU A 97 -11.80 10.29 9.48
CA LEU A 97 -13.18 10.71 9.43
C LEU A 97 -13.46 11.36 8.08
N LYS A 98 -14.64 11.08 7.53
CA LYS A 98 -15.17 11.79 6.39
C LYS A 98 -16.36 12.60 6.88
N LEU A 99 -16.20 13.91 6.96
CA LEU A 99 -17.28 14.81 7.34
C LEU A 99 -17.88 15.40 6.07
N THR A 100 -19.19 15.28 5.93
CA THR A 100 -19.87 15.89 4.80
C THR A 100 -20.31 17.28 5.19
N VAL A 101 -20.01 18.26 4.34
CA VAL A 101 -20.37 19.64 4.61
C VAL A 101 -21.31 20.13 3.51
N ASP A 102 -22.04 21.19 3.83
CA ASP A 102 -23.13 21.67 2.98
C ASP A 102 -22.66 22.57 1.82
N VAL A 103 -21.38 22.90 1.76
CA VAL A 103 -20.81 23.73 0.71
C VAL A 103 -19.61 23.00 0.11
N ALA A 104 -19.58 22.93 -1.22
CA ALA A 104 -18.43 22.35 -1.91
C ALA A 104 -17.30 23.37 -1.95
N ASN A 105 -16.09 22.91 -1.67
CA ASN A 105 -14.97 23.83 -1.69
C ASN A 105 -14.84 24.46 -3.07
N PRO A 106 -14.99 25.79 -3.20
CA PRO A 106 -14.88 26.41 -4.53
C PRO A 106 -13.50 26.33 -5.13
N SER A 107 -12.49 26.06 -4.30
CA SER A 107 -11.12 25.93 -4.78
C SER A 107 -10.67 24.49 -4.89
N THR A 108 -11.59 23.53 -4.95
CA THR A 108 -11.19 22.14 -5.09
C THR A 108 -10.37 21.97 -6.36
N PRO A 109 -9.13 21.50 -6.28
CA PRO A 109 -8.35 21.22 -7.49
C PRO A 109 -8.76 19.89 -8.12
N ALA A 110 -8.30 19.65 -9.34
CA ALA A 110 -8.36 18.30 -9.88
C ALA A 110 -7.52 17.39 -8.98
N TYR A 111 -8.11 16.29 -8.52
CA TYR A 111 -7.38 15.46 -7.57
C TYR A 111 -7.76 14.00 -7.70
N THR A 112 -6.87 13.17 -7.17
CA THR A 112 -7.12 11.75 -6.94
C THR A 112 -6.52 11.38 -5.59
N PHE A 113 -6.81 10.18 -5.14
CA PHE A 113 -6.16 9.60 -3.98
C PHE A 113 -5.30 8.44 -4.47
N THR A 114 -4.08 8.37 -3.95
CA THR A 114 -3.19 7.27 -4.31
C THR A 114 -2.39 6.88 -3.06
N THR A 115 -1.82 5.68 -3.08
CA THR A 115 -0.88 5.29 -2.04
C THR A 115 0.53 5.38 -2.58
N VAL A 116 1.43 5.96 -1.78
CA VAL A 116 2.83 6.03 -2.17
CA VAL A 116 2.83 6.07 -2.13
C VAL A 116 3.55 4.80 -1.67
N LYS A 117 4.59 4.43 -2.41
CA LYS A 117 5.37 3.23 -2.15
C LYS A 117 6.74 3.58 -1.59
N PRO A 118 7.38 2.66 -0.86
CA PRO A 118 8.73 2.92 -0.36
C PRO A 118 9.66 3.43 -1.46
N GLY A 119 10.44 4.45 -1.13
CA GLY A 119 11.38 5.05 -2.06
C GLY A 119 10.81 6.19 -2.87
N ALA A 120 9.49 6.30 -2.95
CA ALA A 120 8.89 7.38 -3.71
C ALA A 120 8.82 8.64 -2.86
N ALA A 121 8.97 9.78 -3.53
CA ALA A 121 8.94 11.09 -2.88
C ALA A 121 7.56 11.72 -2.94
N PHE A 122 7.22 12.49 -1.91
CA PHE A 122 6.02 13.30 -1.98
C PHE A 122 6.23 14.59 -1.19
N SER A 123 5.35 15.54 -1.43
CA SER A 123 5.41 16.86 -0.82
C SER A 123 4.44 16.87 0.36
N VAL A 124 4.85 17.50 1.46
CA VAL A 124 4.02 17.65 2.64
C VAL A 124 3.74 19.13 2.88
N LEU A 125 2.49 19.46 3.20
CA LEU A 125 2.13 20.80 3.68
C LEU A 125 1.86 20.70 5.17
N ALA A 126 2.81 21.16 5.99
CA ALA A 126 2.66 21.14 7.43
C ALA A 126 1.76 22.27 7.87
N CYS A 127 0.76 21.94 8.69
CA CYS A 127 -0.29 22.87 9.07
C CYS A 127 -0.52 22.78 10.56
N TYR A 128 -0.93 23.91 11.16
CA TYR A 128 -1.32 23.96 12.55
C TYR A 128 -2.58 24.82 12.66
N ASN A 129 -3.59 24.31 13.37
CA ASN A 129 -4.82 25.06 13.56
C ASN A 129 -5.42 25.50 12.23
N GLY A 130 -5.28 24.65 11.22
CA GLY A 130 -5.85 24.96 9.91
C GLY A 130 -5.07 25.94 9.08
N ARG A 131 -3.87 26.32 9.52
CA ARG A 131 -3.08 27.33 8.83
C ARG A 131 -1.77 26.70 8.34
N PRO A 132 -1.54 26.67 7.03
CA PRO A 132 -0.26 26.14 6.53
C PRO A 132 0.92 26.93 7.05
N THR A 133 1.95 26.18 7.50
CA THR A 133 3.13 26.83 8.06
CA THR A 133 3.13 26.76 8.11
C THR A 133 4.41 26.51 7.33
N GLY A 134 4.49 25.39 6.60
CA GLY A 134 5.70 25.13 5.85
C GLY A 134 5.47 23.96 4.91
N THR A 135 6.41 23.80 3.98
CA THR A 135 6.32 22.67 3.09
C THR A 135 7.71 22.05 2.92
N PHE A 136 7.70 20.73 2.78
CA PHE A 136 8.94 19.98 2.63
C PHE A 136 8.62 18.72 1.83
N THR A 137 9.67 18.04 1.40
CA THR A 137 9.50 16.77 0.69
C THR A 137 10.22 15.66 1.42
N VAL A 138 9.64 14.45 1.34
CA VAL A 138 10.17 13.27 2.01
C VAL A 138 10.05 12.11 1.03
N VAL A 139 10.83 11.06 1.27
CA VAL A 139 10.65 9.77 0.63
CA VAL A 139 10.61 9.78 0.61
C VAL A 139 10.03 8.82 1.63
N MET A 140 9.04 8.05 1.21
CA MET A 140 8.49 7.02 2.07
C MET A 140 9.55 5.96 2.31
N ARG A 141 9.87 5.70 3.58
CA ARG A 141 10.93 4.75 3.88
C ARG A 141 10.42 3.31 3.71
N PRO A 142 11.34 2.37 3.51
CA PRO A 142 10.95 0.95 3.42
C PRO A 142 10.21 0.43 4.65
N ASN A 143 10.34 1.07 5.81
CA ASN A 143 9.57 0.69 6.98
C ASN A 143 8.32 1.53 7.17
N TYR A 144 7.89 2.25 6.12
CA TYR A 144 6.63 2.98 6.11
C TYR A 144 6.56 4.08 7.16
N THR A 145 7.70 4.67 7.45
CA THR A 145 7.79 5.95 8.13
C THR A 145 8.33 6.99 7.17
N ILE A 146 8.23 8.25 7.56
CA ILE A 146 8.92 9.32 6.86
C ILE A 146 9.74 10.11 7.87
N LYS A 147 10.85 10.69 7.41
CA LYS A 147 11.68 11.53 8.27
C LYS A 147 11.21 12.96 8.09
N GLY A 148 10.15 13.30 8.82
CA GLY A 148 9.46 14.56 8.66
C GLY A 148 9.82 15.57 9.72
N SER A 149 8.99 16.60 9.81
CA SER A 149 9.15 17.67 10.80
C SER A 149 7.73 18.08 11.21
N PHE A 150 7.29 17.55 12.34
CA PHE A 150 5.90 17.68 12.76
C PHE A 150 5.89 17.86 14.27
N LEU A 151 5.09 18.80 14.75
CA LEU A 151 4.97 19.04 16.17
C LEU A 151 3.52 18.80 16.61
N CYS A 152 3.27 18.97 17.91
CA CYS A 152 1.91 18.90 18.41
CA CYS A 152 1.91 18.92 18.43
C CYS A 152 1.00 19.83 17.60
N GLY A 153 -0.16 19.31 17.20
CA GLY A 153 -1.09 20.08 16.39
C GLY A 153 -0.97 19.88 14.89
N SER A 154 0.00 19.10 14.43
CA SER A 154 0.23 18.92 13.00
C SER A 154 -0.63 17.84 12.37
N CYS A 155 -1.31 17.03 13.17
CA CYS A 155 -2.07 15.93 12.61
C CYS A 155 -3.14 16.45 11.65
N GLY A 156 -3.33 15.72 10.56
CA GLY A 156 -4.16 16.21 9.50
C GLY A 156 -3.41 16.94 8.40
N SER A 157 -2.15 17.31 8.63
CA SER A 157 -1.30 17.79 7.55
C SER A 157 -1.24 16.74 6.45
N VAL A 158 -1.12 17.19 5.20
CA VAL A 158 -1.30 16.29 4.06
C VAL A 158 -0.05 16.18 3.21
N GLY A 159 0.11 15.02 2.60
CA GLY A 159 1.17 14.78 1.63
C GLY A 159 0.55 14.44 0.28
N TYR A 160 1.28 14.77 -0.79
CA TYR A 160 0.72 14.66 -2.13
C TYR A 160 1.82 14.63 -3.17
N THR A 161 1.50 14.01 -4.30
CA THR A 161 2.26 14.18 -5.52
C THR A 161 1.40 14.92 -6.54
N LYS A 162 1.99 15.26 -7.69
CA LYS A 162 1.25 15.94 -8.74
C LYS A 162 1.59 15.31 -10.08
N GLU A 163 0.56 15.10 -10.88
CA GLU A 163 0.70 14.60 -12.25
C GLU A 163 0.02 15.62 -13.14
N GLY A 164 0.81 16.42 -13.85
CA GLY A 164 0.22 17.56 -14.53
C GLY A 164 -0.40 18.49 -13.50
N SER A 165 -1.64 18.87 -13.72
CA SER A 165 -2.37 19.70 -12.78
C SER A 165 -3.12 18.88 -11.73
N VAL A 166 -3.06 17.55 -11.79
CA VAL A 166 -3.84 16.71 -10.88
C VAL A 166 -3.03 16.44 -9.62
N ILE A 167 -3.61 16.78 -8.48
CA ILE A 167 -2.97 16.52 -7.19
C ILE A 167 -3.38 15.12 -6.75
N ASN A 168 -2.40 14.28 -6.45
CA ASN A 168 -2.66 12.93 -5.95
C ASN A 168 -2.35 12.90 -4.47
N PHE A 169 -3.39 13.02 -3.64
CA PHE A 169 -3.19 13.02 -2.20
C PHE A 169 -2.85 11.61 -1.73
N CYS A 170 -1.78 11.51 -0.95
CA CYS A 170 -1.29 10.20 -0.53
C CYS A 170 -1.04 10.05 0.96
N TYR A 171 -1.15 11.10 1.76
CA TYR A 171 -0.73 10.99 3.16
C TYR A 171 -1.49 11.99 4.00
N MET A 172 -1.95 11.54 5.16
CA MET A 172 -2.52 12.41 6.18
C MET A 172 -1.83 12.10 7.51
N HIS A 173 -1.22 13.10 8.10
CA HIS A 173 -0.31 12.86 9.21
C HIS A 173 -1.06 12.43 10.49
N GLN A 174 -0.50 11.42 11.17
CA GLN A 174 -1.10 10.88 12.38
C GLN A 174 -0.18 10.85 13.59
N MET A 175 1.11 10.57 13.43
CA MET A 175 1.85 10.28 14.66
C MET A 175 3.35 10.35 14.47
N GLU A 176 4.05 10.44 15.59
CA GLU A 176 5.51 10.42 15.66
C GLU A 176 5.95 9.23 16.48
N LEU A 177 6.90 8.46 15.94
CA LEU A 177 7.41 7.27 16.60
C LEU A 177 8.52 7.64 17.60
N ALA A 178 8.88 6.66 18.43
CA ALA A 178 9.93 6.90 19.43
C ALA A 178 11.25 7.35 18.82
N ASN A 179 11.56 6.91 17.59
CA ASN A 179 12.84 7.27 16.98
C ASN A 179 12.79 8.60 16.24
N GLY A 180 11.71 9.37 16.38
CA GLY A 180 11.62 10.66 15.74
C GLY A 180 11.05 10.64 14.35
N THR A 181 10.81 9.48 13.77
CA THR A 181 10.20 9.45 12.45
C THR A 181 8.68 9.49 12.59
N HIS A 182 8.00 9.54 11.45
CA HIS A 182 6.60 9.89 11.40
C HIS A 182 5.83 8.92 10.53
N THR A 183 4.53 8.78 10.80
CA THR A 183 3.70 8.02 9.89
C THR A 183 2.26 8.53 9.95
N GLY A 184 1.46 8.01 9.04
CA GLY A 184 0.12 8.51 8.86
C GLY A 184 -0.66 7.59 7.97
N SER A 185 -1.80 8.09 7.52
CA SER A 185 -2.79 7.32 6.77
C SER A 185 -2.74 7.65 5.29
N ALA A 186 -3.14 6.68 4.47
CA ALA A 186 -3.57 6.97 3.12
C ALA A 186 -5.04 7.40 3.17
N PHE A 187 -5.54 7.94 2.06
CA PHE A 187 -6.92 8.41 2.08
C PHE A 187 -7.95 7.31 1.87
N ASP A 188 -7.52 6.05 1.75
CA ASP A 188 -8.44 4.94 1.95
C ASP A 188 -8.57 4.61 3.43
N GLY A 189 -7.91 5.35 4.30
CA GLY A 189 -8.05 5.16 5.73
C GLY A 189 -7.08 4.19 6.33
N THR A 190 -6.30 3.48 5.53
CA THR A 190 -5.29 2.59 6.09
C THR A 190 -4.09 3.39 6.58
N MET A 191 -3.51 2.95 7.69
N MET A 191 -3.52 2.94 7.69
CA MET A 191 -2.23 3.50 8.10
CA MET A 191 -2.21 3.42 8.10
C MET A 191 -1.11 2.83 7.30
C MET A 191 -1.15 2.83 7.19
N TYR A 192 -0.09 3.61 6.93
CA TYR A 192 1.05 3.04 6.25
C TYR A 192 1.70 2.01 7.17
N GLY A 193 2.23 0.94 6.57
CA GLY A 193 2.86 -0.11 7.37
C GLY A 193 1.88 -0.78 8.33
N ALA A 194 2.42 -1.26 9.45
CA ALA A 194 1.63 -1.99 10.44
C ALA A 194 1.26 -1.11 11.63
N PHE A 195 1.27 0.21 11.46
CA PHE A 195 1.01 1.10 12.57
C PHE A 195 -0.48 1.23 12.85
N MET A 196 -0.78 1.59 14.09
CA MET A 196 -2.13 1.77 14.60
C MET A 196 -2.25 3.15 15.23
N ASP A 197 -3.39 3.81 15.02
CA ASP A 197 -3.55 5.20 15.48
C ASP A 197 -4.05 5.20 16.94
N LYS A 198 -3.18 4.73 17.83
CA LYS A 198 -3.46 4.81 19.24
C LYS A 198 -2.19 5.14 20.00
N GLN A 199 -2.37 5.71 21.19
CA GLN A 199 -1.30 6.28 21.99
C GLN A 199 -0.62 5.18 22.79
N VAL A 200 0.11 4.33 22.07
CA VAL A 200 0.92 3.28 22.68
C VAL A 200 2.24 3.16 21.93
N HIS A 201 3.26 2.69 22.64
CA HIS A 201 4.54 2.40 22.01
C HIS A 201 4.37 1.27 21.01
N GLN A 202 4.97 1.42 19.83
CA GLN A 202 4.69 0.51 18.73
C GLN A 202 5.94 -0.09 18.10
N VAL A 203 5.86 -1.38 17.80
CA VAL A 203 6.92 -2.12 17.12
C VAL A 203 7.12 -1.48 15.76
N GLN A 204 8.30 -0.88 15.56
CA GLN A 204 8.61 -0.15 14.35
C GLN A 204 9.77 -0.84 13.63
N LEU A 205 9.61 -1.06 12.33
CA LEU A 205 10.40 -2.08 11.66
C LEU A 205 11.71 -1.50 11.13
N THR A 206 12.58 -2.40 10.69
N THR A 206 12.57 -2.40 10.64
CA THR A 206 13.90 -1.98 10.21
CA THR A 206 13.92 -2.01 10.23
C THR A 206 13.78 -1.14 8.96
C THR A 206 13.89 -1.22 8.92
N ASP A 207 14.60 -0.11 8.88
CA ASP A 207 14.74 0.67 7.66
C ASP A 207 15.80 0.02 6.78
N LYS A 208 15.76 0.37 5.50
CA LYS A 208 16.69 -0.13 4.50
C LYS A 208 17.08 1.03 3.59
N TYR A 209 18.22 0.88 2.94
CA TYR A 209 18.60 1.76 1.85
C TYR A 209 17.72 1.50 0.64
N CYS A 210 17.21 2.54 0.00
CA CYS A 210 16.42 2.39 -1.22
CA CYS A 210 16.43 2.39 -1.23
C CYS A 210 17.38 2.31 -2.41
N SER A 211 17.56 1.10 -2.93
N SER A 211 17.56 1.10 -2.95
CA SER A 211 18.57 0.86 -3.96
CA SER A 211 18.58 0.86 -3.96
C SER A 211 18.33 1.70 -5.21
C SER A 211 18.35 1.66 -5.23
N VAL A 212 17.08 1.73 -5.69
CA VAL A 212 16.82 2.47 -6.93
C VAL A 212 17.21 3.95 -6.78
N ASN A 213 17.04 4.51 -5.57
CA ASN A 213 17.40 5.91 -5.32
C ASN A 213 18.90 6.10 -5.22
N VAL A 214 19.62 5.13 -4.62
CA VAL A 214 21.08 5.23 -4.62
C VAL A 214 21.61 5.20 -6.05
N VAL A 215 21.03 4.33 -6.90
CA VAL A 215 21.41 4.32 -8.32
C VAL A 215 21.16 5.69 -8.95
N ALA A 216 19.97 6.27 -8.72
CA ALA A 216 19.69 7.60 -9.26
C ALA A 216 20.74 8.62 -8.84
N TRP A 217 21.14 8.58 -7.55
CA TRP A 217 22.11 9.53 -7.03
C TRP A 217 23.48 9.33 -7.67
N LEU A 218 23.86 8.07 -7.91
CA LEU A 218 25.12 7.81 -8.59
C LEU A 218 25.06 8.29 -10.05
N TYR A 219 23.90 8.15 -10.69
CA TYR A 219 23.73 8.78 -12.00
C TYR A 219 23.84 10.29 -11.91
N ALA A 220 23.28 10.92 -10.88
CA ALA A 220 23.42 12.37 -10.72
C ALA A 220 24.88 12.74 -10.59
N ALA A 221 25.67 11.91 -9.90
CA ALA A 221 27.10 12.18 -9.79
C ALA A 221 27.77 12.16 -11.16
N ILE A 222 27.46 11.16 -11.98
CA ILE A 222 28.05 11.07 -13.33
C ILE A 222 27.66 12.27 -14.17
N LEU A 223 26.38 12.68 -14.09
CA LEU A 223 25.90 13.84 -14.82
C LEU A 223 26.62 15.11 -14.39
N ASN A 224 27.21 15.11 -13.21
CA ASN A 224 28.01 16.25 -12.77
C ASN A 224 29.51 16.06 -13.04
N GLY A 225 29.89 15.01 -13.78
CA GLY A 225 31.31 14.79 -14.06
C GLY A 225 32.05 14.02 -13.01
N CYS A 226 31.34 13.41 -12.07
CA CYS A 226 31.92 12.68 -10.95
C CYS A 226 31.67 11.20 -11.19
N ALA A 227 32.73 10.47 -11.62
CA ALA A 227 32.51 9.08 -12.00
C ALA A 227 33.69 8.18 -11.63
N TRP A 228 34.43 8.54 -10.58
CA TRP A 228 35.59 7.72 -10.20
C TRP A 228 35.17 6.32 -9.77
N PHE A 229 33.93 6.13 -9.34
CA PHE A 229 33.43 4.86 -8.84
C PHE A 229 32.93 3.96 -9.93
N VAL A 230 32.89 4.42 -11.18
CA VAL A 230 32.40 3.61 -12.29
C VAL A 230 33.54 2.79 -12.86
N LYS A 231 33.41 1.47 -12.77
CA LYS A 231 34.40 0.57 -13.33
C LYS A 231 33.72 -0.28 -14.39
N PRO A 232 34.46 -1.03 -15.21
CA PRO A 232 33.79 -1.94 -16.15
C PRO A 232 33.00 -3.04 -15.47
N ASN A 233 33.33 -3.38 -14.22
CA ASN A 233 32.67 -4.49 -13.53
C ASN A 233 31.19 -4.24 -13.38
N ARG A 234 30.43 -5.34 -13.42
CA ARG A 234 28.99 -5.29 -13.35
C ARG A 234 28.48 -6.33 -12.38
N THR A 235 27.33 -6.05 -11.79
CA THR A 235 26.55 -7.00 -11.02
C THR A 235 25.16 -7.05 -11.62
N SER A 236 24.66 -8.24 -11.90
CA SER A 236 23.33 -8.39 -12.46
C SER A 236 22.27 -7.98 -11.44
N VAL A 237 21.10 -7.60 -11.96
CA VAL A 237 20.01 -7.22 -11.06
C VAL A 237 19.66 -8.39 -10.15
N VAL A 238 19.61 -9.61 -10.70
CA VAL A 238 19.25 -10.76 -9.89
CA VAL A 238 19.25 -10.78 -9.89
C VAL A 238 20.28 -10.99 -8.79
N SER A 239 21.57 -10.88 -9.13
N SER A 239 21.57 -10.86 -9.12
CA SER A 239 22.61 -11.09 -8.13
CA SER A 239 22.61 -11.09 -8.13
C SER A 239 22.65 -9.96 -7.12
C SER A 239 22.66 -9.96 -7.12
N PHE A 240 22.51 -8.71 -7.58
CA PHE A 240 22.40 -7.60 -6.65
C PHE A 240 21.26 -7.82 -5.68
N ASN A 241 20.13 -8.33 -6.17
CA ASN A 241 18.95 -8.43 -5.31
C ASN A 241 19.12 -9.54 -4.27
N GLU A 242 19.81 -10.63 -4.61
CA GLU A 242 20.16 -11.60 -3.56
C GLU A 242 21.06 -10.94 -2.52
N TRP A 243 22.02 -10.14 -2.97
CA TRP A 243 22.93 -9.47 -2.06
C TRP A 243 22.18 -8.44 -1.21
N ALA A 244 21.24 -7.72 -1.82
CA ALA A 244 20.52 -6.67 -1.10
C ALA A 244 19.82 -7.23 0.12
N LEU A 245 19.25 -8.43 -0.02
CA LEU A 245 18.52 -9.09 1.06
C LEU A 245 19.37 -9.27 2.31
N ALA A 246 20.67 -9.48 2.13
CA ALA A 246 21.55 -9.73 3.27
C ALA A 246 22.22 -8.47 3.80
N ASN A 247 22.02 -7.31 3.15
CA ASN A 247 22.84 -6.14 3.43
C ASN A 247 22.02 -4.87 3.58
N GLN A 248 20.77 -5.01 4.01
CA GLN A 248 19.89 -3.86 4.34
C GLN A 248 19.64 -2.93 3.14
N PHE A 249 19.53 -3.49 1.95
CA PHE A 249 19.08 -2.75 0.78
C PHE A 249 17.75 -3.30 0.29
N THR A 250 16.91 -2.40 -0.23
CA THR A 250 15.75 -2.87 -0.95
C THR A 250 16.20 -3.54 -2.24
N GLU A 251 15.34 -4.42 -2.75
CA GLU A 251 15.60 -5.01 -4.05
C GLU A 251 15.41 -3.96 -5.15
N PHE A 252 16.28 -4.02 -6.16
CA PHE A 252 16.28 -3.06 -7.26
C PHE A 252 15.27 -3.48 -8.32
N VAL A 253 14.37 -2.57 -8.68
CA VAL A 253 13.42 -2.78 -9.77
C VAL A 253 13.61 -1.62 -10.74
N GLY A 254 14.08 -1.90 -11.95
CA GLY A 254 14.32 -0.85 -12.92
C GLY A 254 13.03 -0.23 -13.43
N THR A 255 13.16 1.03 -13.88
CA THR A 255 12.05 1.81 -14.41
C THR A 255 12.54 2.56 -15.65
N GLN A 256 11.58 3.03 -16.44
CA GLN A 256 11.95 3.89 -17.58
C GLN A 256 12.73 5.11 -17.13
N SER A 257 12.46 5.63 -15.93
CA SER A 257 13.18 6.79 -15.43
CA SER A 257 13.19 6.80 -15.46
C SER A 257 14.67 6.48 -15.24
N VAL A 258 14.97 5.32 -14.65
CA VAL A 258 16.36 4.90 -14.52
C VAL A 258 16.97 4.65 -15.89
N ASP A 259 16.20 4.01 -16.77
CA ASP A 259 16.68 3.72 -18.12
C ASP A 259 17.12 4.99 -18.84
N MET A 260 16.36 6.08 -18.70
CA MET A 260 16.78 7.33 -19.34
C MET A 260 18.10 7.82 -18.79
N LEU A 261 18.35 7.63 -17.49
CA LEU A 261 19.65 8.05 -16.96
C LEU A 261 20.78 7.19 -17.52
N ALA A 262 20.53 5.89 -17.68
CA ALA A 262 21.54 5.01 -18.28
C ALA A 262 21.87 5.43 -19.70
N VAL A 263 20.86 5.78 -20.49
CA VAL A 263 21.09 6.20 -21.88
C VAL A 263 21.84 7.52 -21.92
N LYS A 264 21.44 8.47 -21.07
CA LYS A 264 22.06 9.79 -21.07
C LYS A 264 23.55 9.70 -20.72
N THR A 265 23.89 8.86 -19.74
CA THR A 265 25.27 8.79 -19.25
C THR A 265 26.10 7.74 -19.95
N GLY A 266 25.48 6.76 -20.61
CA GLY A 266 26.27 5.68 -21.18
C GLY A 266 26.81 4.71 -20.16
N VAL A 267 26.32 4.77 -18.93
CA VAL A 267 26.72 3.88 -17.85
C VAL A 267 25.57 2.94 -17.55
N ALA A 268 25.84 1.64 -17.60
CA ALA A 268 24.79 0.64 -17.41
C ALA A 268 24.38 0.51 -15.93
N ILE A 269 23.10 0.20 -15.70
CA ILE A 269 22.62 -0.01 -14.34
C ILE A 269 23.51 -1.01 -13.61
N GLU A 270 23.93 -2.07 -14.31
CA GLU A 270 24.69 -3.12 -13.66
C GLU A 270 26.05 -2.63 -13.20
N GLN A 271 26.61 -1.61 -13.86
CA GLN A 271 27.85 -1.02 -13.37
C GLN A 271 27.64 -0.35 -12.02
N LEU A 272 26.49 0.34 -11.86
CA LEU A 272 26.21 1.05 -10.62
C LEU A 272 25.81 0.10 -9.51
N LEU A 273 25.16 -1.02 -9.84
CA LEU A 273 24.90 -2.03 -8.82
C LEU A 273 26.21 -2.58 -8.25
N TYR A 274 27.20 -2.84 -9.12
CA TYR A 274 28.53 -3.23 -8.62
C TYR A 274 29.13 -2.12 -7.76
N ALA A 275 29.05 -0.86 -8.22
CA ALA A 275 29.61 0.25 -7.46
C ALA A 275 29.01 0.35 -6.08
N ILE A 276 27.69 0.19 -5.97
CA ILE A 276 27.02 0.26 -4.67
C ILE A 276 27.59 -0.80 -3.74
N GLN A 277 27.78 -2.02 -4.26
CA GLN A 277 28.35 -3.08 -3.43
C GLN A 277 29.72 -2.70 -2.90
N GLN A 278 30.51 -1.98 -3.70
CA GLN A 278 31.84 -1.61 -3.24
C GLN A 278 31.76 -0.43 -2.27
N LEU A 279 30.91 0.55 -2.58
CA LEU A 279 30.83 1.76 -1.75
C LEU A 279 30.23 1.46 -0.39
N TYR A 280 29.39 0.42 -0.31
CA TYR A 280 28.82 0.00 0.96
C TYR A 280 29.89 -0.49 1.93
N THR A 281 31.03 -0.97 1.41
CA THR A 281 32.12 -1.41 2.29
C THR A 281 32.98 -0.25 2.76
N GLY A 282 32.78 0.95 2.23
CA GLY A 282 33.56 2.11 2.62
C GLY A 282 33.94 2.96 1.42
N PHE A 283 33.89 4.29 1.57
CA PHE A 283 34.27 5.18 0.48
C PHE A 283 35.78 5.35 0.37
N GLN A 284 36.54 4.83 1.34
CA GLN A 284 38.00 4.86 1.32
C GLN A 284 38.52 6.28 1.09
N GLY A 285 38.03 7.20 1.91
CA GLY A 285 38.54 8.56 1.93
C GLY A 285 38.04 9.45 0.81
N LYS A 286 37.34 8.90 -0.17
CA LYS A 286 36.83 9.73 -1.25
C LYS A 286 35.40 10.17 -0.94
N GLN A 287 34.92 11.11 -1.75
CA GLN A 287 33.58 11.66 -1.62
C GLN A 287 32.87 11.56 -2.96
N ILE A 288 31.54 11.53 -2.89
CA ILE A 288 30.67 11.60 -4.06
C ILE A 288 29.65 12.70 -3.81
N LEU A 289 29.66 13.73 -4.64
CA LEU A 289 28.73 14.85 -4.50
C LEU A 289 28.71 15.36 -3.06
N GLY A 290 29.90 15.55 -2.50
CA GLY A 290 30.06 16.11 -1.16
C GLY A 290 29.76 15.17 -0.02
N SER A 291 29.52 13.89 -0.28
CA SER A 291 29.08 12.95 0.74
C SER A 291 30.08 11.81 0.88
N THR A 292 30.22 11.29 2.11
CA THR A 292 30.97 10.07 2.37
C THR A 292 30.07 8.88 2.66
N MET A 293 28.77 9.01 2.45
CA MET A 293 27.88 7.85 2.57
C MET A 293 26.89 7.86 1.41
N LEU A 294 26.28 6.69 1.21
CA LEU A 294 25.28 6.56 0.15
C LEU A 294 24.08 7.46 0.45
N GLU A 295 23.52 8.04 -0.60
CA GLU A 295 22.37 8.93 -0.51
C GLU A 295 21.20 8.24 -1.20
N ASP A 296 20.08 8.08 -0.48
CA ASP A 296 18.91 7.43 -1.08
C ASP A 296 17.66 8.28 -0.99
N GLU A 297 17.83 9.60 -0.82
CA GLU A 297 16.68 10.50 -0.66
C GLU A 297 16.32 11.23 -1.93
N PHE A 298 17.00 10.94 -3.06
CA PHE A 298 16.66 11.49 -4.37
C PHE A 298 16.21 10.36 -5.30
N THR A 299 15.12 10.57 -6.00
CA THR A 299 14.56 9.54 -6.87
C THR A 299 15.09 9.67 -8.27
N PRO A 300 14.91 8.63 -9.10
CA PRO A 300 15.26 8.78 -10.53
C PRO A 300 14.53 9.92 -11.19
N GLU A 301 13.26 10.12 -10.85
CA GLU A 301 12.50 11.26 -11.37
C GLU A 301 13.07 12.59 -10.90
N ASP A 302 13.54 12.69 -9.64
CA ASP A 302 14.22 13.91 -9.20
C ASP A 302 15.40 14.23 -10.09
N VAL A 303 16.22 13.22 -10.38
CA VAL A 303 17.44 13.47 -11.14
C VAL A 303 17.10 13.85 -12.58
N ASN A 304 16.14 13.14 -13.18
CA ASN A 304 15.74 13.49 -14.55
C ASN A 304 15.17 14.90 -14.62
N MET A 305 14.35 15.28 -13.62
CA MET A 305 13.71 16.58 -13.66
C MET A 305 14.70 17.70 -13.35
N GLN A 306 15.47 17.54 -12.28
CA GLN A 306 16.26 18.65 -11.78
C GLN A 306 17.51 18.86 -12.60
N ILE A 307 18.07 17.80 -13.19
CA ILE A 307 19.32 17.94 -13.92
C ILE A 307 19.11 17.97 -15.42
N MET A 308 18.18 17.17 -15.96
CA MET A 308 17.95 17.19 -17.41
C MET A 308 16.65 17.87 -17.83
N GLY A 309 15.81 18.32 -16.90
CA GLY A 309 14.58 19.01 -17.26
C GLY A 309 13.53 18.11 -17.85
N VAL A 310 13.61 16.81 -17.59
CA VAL A 310 12.76 15.81 -18.22
C VAL A 310 11.70 15.35 -17.22
N VAL A 311 10.43 15.61 -17.53
CA VAL A 311 9.34 15.13 -16.68
C VAL A 311 8.49 14.11 -17.44
N HIS B 6 -6.24 -35.35 14.52
CA HIS B 6 -7.31 -34.46 14.94
C HIS B 6 -7.30 -33.22 14.04
N HIS B 7 -8.13 -33.23 13.00
CA HIS B 7 -8.31 -32.07 12.13
C HIS B 7 -8.46 -30.79 12.94
N SER B 8 -7.75 -29.74 12.50
CA SER B 8 -7.63 -28.50 13.24
C SER B 8 -8.92 -27.69 13.27
N GLY B 9 -9.83 -27.97 12.36
CA GLY B 9 -10.99 -27.12 12.20
C GLY B 9 -10.74 -25.92 11.31
N LEU B 10 -9.56 -25.83 10.68
CA LEU B 10 -9.20 -24.73 9.81
C LEU B 10 -9.41 -25.11 8.36
N VAL B 11 -10.15 -24.29 7.61
CA VAL B 11 -10.26 -24.40 6.16
C VAL B 11 -9.98 -23.03 5.56
N LYS B 12 -9.75 -23.01 4.25
CA LYS B 12 -9.67 -21.73 3.55
C LYS B 12 -11.08 -21.22 3.41
N MET B 13 -11.43 -20.20 4.18
N MET B 13 -11.46 -20.26 4.23
CA MET B 13 -12.81 -19.73 4.29
CA MET B 13 -12.83 -19.77 4.26
C MET B 13 -12.97 -18.40 3.58
C MET B 13 -12.91 -18.44 3.53
N SER B 14 -13.77 -18.38 2.52
CA SER B 14 -14.06 -17.14 1.81
C SER B 14 -15.36 -16.55 2.32
N HIS B 15 -15.56 -15.28 2.06
CA HIS B 15 -16.87 -14.69 2.31
C HIS B 15 -17.91 -15.25 1.35
N PRO B 16 -19.18 -15.29 1.75
CA PRO B 16 -20.22 -15.59 0.76
C PRO B 16 -20.13 -14.56 -0.35
N SER B 17 -20.21 -15.01 -1.60
CA SER B 17 -19.88 -14.15 -2.75
C SER B 17 -21.06 -13.45 -3.39
N GLY B 18 -22.30 -13.69 -2.96
CA GLY B 18 -23.45 -13.21 -3.72
C GLY B 18 -23.48 -11.71 -3.91
N ASP B 19 -23.11 -10.94 -2.87
CA ASP B 19 -23.15 -9.49 -2.99
C ASP B 19 -22.20 -8.98 -4.07
N VAL B 20 -21.05 -9.63 -4.23
CA VAL B 20 -20.09 -9.22 -5.26
C VAL B 20 -20.47 -9.79 -6.63
N GLU B 21 -21.03 -11.01 -6.68
CA GLU B 21 -21.50 -11.55 -7.97
C GLU B 21 -22.41 -10.57 -8.70
N ALA B 22 -23.29 -9.89 -7.96
CA ALA B 22 -24.26 -8.97 -8.55
C ALA B 22 -23.62 -7.69 -9.08
N CYS B 23 -22.32 -7.53 -8.90
CA CYS B 23 -21.61 -6.35 -9.38
C CYS B 23 -20.69 -6.64 -10.56
N MET B 24 -20.55 -7.91 -10.98
CA MET B 24 -19.61 -8.22 -12.06
C MET B 24 -20.26 -8.03 -13.41
N VAL B 25 -19.48 -7.46 -14.34
CA VAL B 25 -19.88 -7.22 -15.72
C VAL B 25 -18.72 -7.63 -16.62
N GLN B 26 -19.03 -7.77 -17.91
CA GLN B 26 -18.03 -7.95 -18.94
C GLN B 26 -17.76 -6.60 -19.59
N VAL B 27 -16.49 -6.29 -19.81
CA VAL B 27 -16.09 -5.04 -20.48
C VAL B 27 -15.30 -5.43 -21.71
N THR B 28 -15.69 -4.89 -22.87
CA THR B 28 -15.01 -5.21 -24.12
C THR B 28 -14.59 -3.89 -24.74
N CYS B 29 -13.36 -3.88 -25.26
CA CYS B 29 -12.85 -2.74 -26.01
C CYS B 29 -12.19 -3.30 -27.25
N GLY B 30 -12.78 -3.02 -28.40
CA GLY B 30 -12.27 -3.61 -29.64
C GLY B 30 -12.40 -5.11 -29.57
N SER B 31 -11.29 -5.81 -29.76
CA SER B 31 -11.25 -7.27 -29.69
C SER B 31 -10.71 -7.76 -28.36
N MET B 32 -10.54 -6.88 -27.38
CA MET B 32 -10.06 -7.25 -26.06
C MET B 32 -11.25 -7.29 -25.11
N THR B 33 -11.29 -8.30 -24.24
CA THR B 33 -12.37 -8.42 -23.27
C THR B 33 -11.86 -8.91 -21.92
N LEU B 34 -12.51 -8.44 -20.86
CA LEU B 34 -12.20 -8.88 -19.51
C LEU B 34 -13.39 -8.52 -18.60
N ASN B 35 -13.19 -8.59 -17.28
CA ASN B 35 -14.26 -8.33 -16.34
C ASN B 35 -14.15 -6.93 -15.76
N GLY B 36 -15.30 -6.41 -15.30
CA GLY B 36 -15.32 -5.15 -14.59
C GLY B 36 -16.24 -5.25 -13.37
N LEU B 37 -16.12 -4.25 -12.51
CA LEU B 37 -16.89 -4.16 -11.28
C LEU B 37 -17.80 -2.95 -11.33
N TRP B 38 -19.11 -3.19 -11.24
CA TRP B 38 -20.12 -2.15 -11.42
C TRP B 38 -20.67 -1.73 -10.07
N LEU B 39 -20.37 -0.49 -9.67
CA LEU B 39 -20.82 0.08 -8.40
C LEU B 39 -21.39 1.46 -8.67
N ASP B 40 -22.60 1.72 -8.17
CA ASP B 40 -23.28 3.00 -8.47
C ASP B 40 -23.28 3.15 -9.98
N ASN B 41 -22.90 4.32 -10.53
CA ASN B 41 -22.82 4.56 -11.97
C ASN B 41 -21.42 4.36 -12.52
N THR B 42 -20.56 3.59 -11.84
CA THR B 42 -19.18 3.44 -12.26
C THR B 42 -18.86 1.98 -12.54
N VAL B 43 -18.15 1.72 -13.65
CA VAL B 43 -17.57 0.40 -13.91
C VAL B 43 -16.05 0.51 -13.88
N TRP B 44 -15.43 -0.25 -12.99
CA TRP B 44 -13.97 -0.32 -12.83
C TRP B 44 -13.45 -1.50 -13.64
N CYS B 45 -12.36 -1.31 -14.39
CA CYS B 45 -11.75 -2.46 -15.03
C CYS B 45 -10.29 -2.16 -15.31
N PRO B 46 -9.47 -3.18 -15.60
CA PRO B 46 -8.08 -2.92 -15.92
C PRO B 46 -7.96 -2.11 -17.20
N ARG B 47 -7.04 -1.14 -17.20
CA ARG B 47 -6.93 -0.29 -18.38
C ARG B 47 -6.36 -1.02 -19.60
N HIS B 48 -5.73 -2.18 -19.43
CA HIS B 48 -5.14 -2.82 -20.59
C HIS B 48 -6.16 -3.41 -21.54
N VAL B 49 -7.45 -3.39 -21.17
CA VAL B 49 -8.48 -3.74 -22.14
C VAL B 49 -8.44 -2.81 -23.35
N MET B 50 -7.83 -1.63 -23.20
CA MET B 50 -7.70 -0.60 -24.22
C MET B 50 -6.59 -0.91 -25.21
N CYS B 51 -5.71 -1.87 -24.89
CA CYS B 51 -4.50 -2.12 -25.67
CA CYS B 51 -4.48 -2.15 -25.65
C CYS B 51 -4.73 -3.23 -26.69
N PRO B 52 -4.35 -3.00 -27.95
CA PRO B 52 -4.29 -4.11 -28.89
C PRO B 52 -3.29 -5.15 -28.40
N ALA B 53 -3.57 -6.42 -28.72
CA ALA B 53 -2.71 -7.51 -28.25
C ALA B 53 -1.28 -7.36 -28.76
N ASP B 54 -1.10 -6.85 -29.97
CA ASP B 54 0.25 -6.67 -30.52
C ASP B 54 1.02 -5.54 -29.83
N GLN B 55 0.41 -4.84 -28.87
CA GLN B 55 1.03 -3.65 -28.32
C GLN B 55 1.18 -3.74 -26.79
N LEU B 56 0.83 -4.88 -26.20
CA LEU B 56 0.80 -5.02 -24.74
C LEU B 56 2.19 -4.94 -24.10
N SER B 57 3.28 -4.95 -24.87
CA SER B 57 4.60 -4.96 -24.26
CA SER B 57 4.60 -4.96 -24.25
C SER B 57 5.00 -3.59 -23.74
N ASP B 58 4.65 -2.52 -24.48
CA ASP B 58 4.99 -1.15 -24.09
C ASP B 58 3.85 -0.22 -24.47
N PRO B 59 2.70 -0.35 -23.81
CA PRO B 59 1.54 0.47 -24.21
C PRO B 59 1.70 1.93 -23.82
N ASN B 60 1.18 2.80 -24.67
CA ASN B 60 1.07 4.23 -24.40
C ASN B 60 -0.35 4.47 -23.92
N TYR B 61 -0.54 4.39 -22.60
CA TYR B 61 -1.91 4.40 -22.08
C TYR B 61 -2.55 5.79 -22.15
N ASP B 62 -1.78 6.86 -21.98
CA ASP B 62 -2.37 8.19 -22.14
C ASP B 62 -2.88 8.40 -23.57
N ALA B 63 -2.12 7.94 -24.55
CA ALA B 63 -2.56 8.09 -25.94
C ALA B 63 -3.73 7.17 -26.26
N LEU B 64 -3.72 5.95 -25.71
CA LEU B 64 -4.83 5.04 -25.91
C LEU B 64 -6.12 5.63 -25.35
N LEU B 65 -6.03 6.26 -24.17
CA LEU B 65 -7.20 6.84 -23.53
C LEU B 65 -7.77 7.98 -24.36
N ILE B 66 -6.88 8.80 -24.93
CA ILE B 66 -7.33 9.94 -25.72
C ILE B 66 -8.04 9.46 -26.98
N SER B 67 -7.60 8.31 -27.51
CA SER B 67 -8.17 7.77 -28.74
C SER B 67 -9.57 7.19 -28.53
N MET B 68 -9.87 6.73 -27.32
CA MET B 68 -11.17 6.16 -27.02
C MET B 68 -12.27 7.21 -27.02
N THR B 69 -13.48 6.77 -27.38
CA THR B 69 -14.69 7.50 -27.04
C THR B 69 -15.52 6.62 -26.13
N ASN B 70 -16.64 7.16 -25.64
CA ASN B 70 -17.54 6.33 -24.85
C ASN B 70 -18.00 5.10 -25.63
N HIS B 71 -18.14 5.24 -26.94
CA HIS B 71 -18.60 4.15 -27.79
C HIS B 71 -17.54 3.08 -27.98
N SER B 72 -16.30 3.33 -27.56
CA SER B 72 -15.27 2.30 -27.66
C SER B 72 -15.49 1.15 -26.68
N PHE B 73 -16.30 1.34 -25.65
CA PHE B 73 -16.45 0.39 -24.56
C PHE B 73 -17.84 -0.25 -24.63
N SER B 74 -17.88 -1.57 -24.44
CA SER B 74 -19.14 -2.32 -24.42
C SER B 74 -19.19 -3.06 -23.08
N VAL B 75 -20.22 -2.77 -22.28
CA VAL B 75 -20.33 -3.31 -20.93
C VAL B 75 -21.62 -4.10 -20.83
N GLN B 76 -21.54 -5.35 -20.38
CA GLN B 76 -22.73 -6.19 -20.25
C GLN B 76 -22.79 -6.82 -18.87
N LYS B 77 -23.98 -6.78 -18.26
CA LYS B 77 -24.29 -7.64 -17.13
C LYS B 77 -24.91 -8.92 -17.69
N HIS B 78 -24.36 -10.07 -17.30
CA HIS B 78 -24.84 -11.35 -17.84
C HIS B 78 -25.69 -12.11 -16.84
N ILE B 79 -25.27 -12.16 -15.58
CA ILE B 79 -25.99 -12.93 -14.58
C ILE B 79 -27.15 -12.11 -14.04
N GLY B 80 -28.08 -12.80 -13.40
CA GLY B 80 -29.28 -12.14 -12.90
C GLY B 80 -30.09 -11.59 -14.05
N ALA B 81 -30.46 -10.31 -13.94
CA ALA B 81 -31.19 -9.62 -15.00
C ALA B 81 -30.18 -9.05 -15.98
N PRO B 82 -30.03 -9.62 -17.18
CA PRO B 82 -28.99 -9.15 -18.10
C PRO B 82 -29.26 -7.71 -18.53
N ALA B 83 -28.19 -7.00 -18.84
CA ALA B 83 -28.32 -5.62 -19.30
C ALA B 83 -27.09 -5.26 -20.11
N ASN B 84 -27.29 -4.39 -21.08
CA ASN B 84 -26.20 -3.76 -21.82
C ASN B 84 -26.10 -2.34 -21.31
N LEU B 85 -24.93 -1.97 -20.77
CA LEU B 85 -24.77 -0.68 -20.13
C LEU B 85 -24.11 0.30 -21.08
N ARG B 86 -24.70 1.49 -21.21
CA ARG B 86 -24.19 2.54 -22.08
C ARG B 86 -23.16 3.37 -21.33
N VAL B 87 -21.95 3.45 -21.87
CA VAL B 87 -20.89 4.26 -21.27
C VAL B 87 -21.11 5.72 -21.66
N VAL B 88 -21.08 6.61 -20.66
CA VAL B 88 -21.31 8.04 -20.84
C VAL B 88 -20.14 8.89 -20.39
N GLY B 89 -19.09 8.27 -19.84
CA GLY B 89 -17.84 8.95 -19.58
C GLY B 89 -16.77 7.91 -19.35
N HIS B 90 -15.54 8.29 -19.60
CA HIS B 90 -14.41 7.41 -19.34
C HIS B 90 -13.23 8.21 -18.82
N ALA B 91 -12.50 7.59 -17.90
CA ALA B 91 -11.32 8.19 -17.28
C ALA B 91 -10.40 7.05 -16.86
N MET B 92 -9.14 7.41 -16.63
CA MET B 92 -8.10 6.48 -16.20
C MET B 92 -7.66 6.88 -14.81
N GLN B 93 -7.57 5.93 -13.89
CA GLN B 93 -6.92 6.18 -12.61
C GLN B 93 -5.89 5.10 -12.37
N GLY B 94 -4.62 5.50 -12.44
CA GLY B 94 -3.53 4.56 -12.34
C GLY B 94 -3.68 3.50 -13.41
N THR B 95 -3.77 2.25 -12.96
CA THR B 95 -3.83 1.11 -13.87
C THR B 95 -5.27 0.65 -14.10
N LEU B 96 -6.26 1.44 -13.69
CA LEU B 96 -7.66 1.10 -13.87
C LEU B 96 -8.33 2.14 -14.74
N LEU B 97 -9.36 1.72 -15.46
CA LEU B 97 -10.32 2.60 -16.08
C LEU B 97 -11.52 2.77 -15.16
N LYS B 98 -12.04 3.99 -15.13
CA LYS B 98 -13.31 4.31 -14.50
C LYS B 98 -14.27 4.66 -15.63
N LEU B 99 -15.22 3.76 -15.92
CA LEU B 99 -16.23 4.02 -16.94
C LEU B 99 -17.50 4.46 -16.23
N THR B 100 -18.01 5.62 -16.61
CA THR B 100 -19.31 6.04 -16.10
C THR B 100 -20.39 5.50 -17.03
N VAL B 101 -21.39 4.84 -16.45
CA VAL B 101 -22.48 4.26 -17.22
C VAL B 101 -23.79 4.95 -16.85
N ASP B 102 -24.78 4.82 -17.73
CA ASP B 102 -26.05 5.53 -17.61
C ASP B 102 -27.00 4.92 -16.58
N VAL B 103 -26.70 3.73 -16.07
CA VAL B 103 -27.53 3.01 -15.10
C VAL B 103 -26.72 2.80 -13.83
N ALA B 104 -27.29 3.16 -12.69
CA ALA B 104 -26.68 2.80 -11.41
C ALA B 104 -26.98 1.34 -11.10
N ASN B 105 -25.99 0.62 -10.61
CA ASN B 105 -26.20 -0.77 -10.27
C ASN B 105 -27.22 -0.86 -9.14
N PRO B 106 -28.38 -1.47 -9.37
CA PRO B 106 -29.39 -1.53 -8.30
C PRO B 106 -29.01 -2.47 -7.16
N SER B 107 -28.03 -3.33 -7.37
CA SER B 107 -27.54 -4.23 -6.32
C SER B 107 -26.23 -3.75 -5.71
N THR B 108 -25.92 -2.46 -5.82
CA THR B 108 -24.67 -1.97 -5.23
C THR B 108 -24.71 -2.21 -3.72
N PRO B 109 -23.76 -2.94 -3.16
CA PRO B 109 -23.71 -3.12 -1.71
C PRO B 109 -23.10 -1.90 -1.06
N ALA B 110 -23.25 -1.80 0.26
CA ALA B 110 -22.42 -0.86 0.99
C ALA B 110 -20.98 -1.27 0.79
N TYR B 111 -20.12 -0.31 0.44
CA TYR B 111 -18.75 -0.65 0.11
C TYR B 111 -17.80 0.49 0.42
N THR B 112 -16.52 0.12 0.57
CA THR B 112 -15.39 1.03 0.56
C THR B 112 -14.30 0.43 -0.32
N PHE B 113 -13.28 1.22 -0.61
CA PHE B 113 -12.04 0.74 -1.18
C PHE B 113 -10.96 0.79 -0.13
N THR B 114 -10.17 -0.27 -0.04
CA THR B 114 -9.08 -0.31 0.92
C THR B 114 -7.91 -1.05 0.27
N THR B 115 -6.73 -0.87 0.83
CA THR B 115 -5.58 -1.64 0.39
C THR B 115 -5.28 -2.72 1.42
N VAL B 116 -4.95 -3.89 0.95
CA VAL B 116 -4.61 -4.98 1.86
CA VAL B 116 -4.62 -5.00 1.84
C VAL B 116 -3.10 -5.05 2.02
N LYS B 117 -2.68 -5.48 3.20
CA LYS B 117 -1.28 -5.52 3.58
C LYS B 117 -0.75 -6.95 3.54
N PRO B 118 0.55 -7.13 3.40
CA PRO B 118 1.13 -8.48 3.41
C PRO B 118 0.71 -9.26 4.64
N GLY B 119 0.36 -10.53 4.42
CA GLY B 119 -0.12 -11.37 5.49
C GLY B 119 -1.62 -11.35 5.70
N ALA B 120 -2.31 -10.34 5.20
CA ALA B 120 -3.76 -10.29 5.39
C ALA B 120 -4.48 -11.11 4.33
N ALA B 121 -5.59 -11.71 4.73
CA ALA B 121 -6.40 -12.55 3.86
C ALA B 121 -7.51 -11.76 3.18
N PHE B 122 -7.85 -12.16 1.96
CA PHE B 122 -9.03 -11.60 1.33
C PHE B 122 -9.66 -12.64 0.43
N SER B 123 -10.93 -12.40 0.06
CA SER B 123 -11.68 -13.31 -0.79
C SER B 123 -11.62 -12.84 -2.23
N VAL B 124 -11.52 -13.79 -3.17
CA VAL B 124 -11.46 -13.48 -4.58
C VAL B 124 -12.65 -14.14 -5.26
N LEU B 125 -13.30 -13.40 -6.15
CA LEU B 125 -14.33 -13.94 -7.03
C LEU B 125 -13.74 -14.01 -8.43
N ALA B 126 -13.38 -15.21 -8.84
CA ALA B 126 -12.80 -15.43 -10.16
C ALA B 126 -13.92 -15.44 -11.20
N CYS B 127 -13.75 -14.64 -12.25
CA CYS B 127 -14.76 -14.42 -13.28
C CYS B 127 -14.12 -14.52 -14.65
N TYR B 128 -14.92 -14.97 -15.62
CA TYR B 128 -14.54 -15.02 -17.03
C TYR B 128 -15.73 -14.51 -17.83
N ASN B 129 -15.47 -13.60 -18.78
CA ASN B 129 -16.52 -13.04 -19.64
C ASN B 129 -17.68 -12.46 -18.83
N GLY B 130 -17.36 -11.85 -17.70
CA GLY B 130 -18.36 -11.26 -16.86
C GLY B 130 -19.16 -12.23 -16.03
N ARG B 131 -18.80 -13.51 -16.04
CA ARG B 131 -19.55 -14.54 -15.32
C ARG B 131 -18.71 -15.12 -14.20
N PRO B 132 -19.15 -15.00 -12.95
CA PRO B 132 -18.43 -15.64 -11.84
C PRO B 132 -18.36 -17.15 -12.01
N THR B 133 -17.17 -17.69 -11.77
CA THR B 133 -16.97 -19.13 -11.88
CA THR B 133 -16.92 -19.11 -11.91
C THR B 133 -16.44 -19.77 -10.61
N GLY B 134 -15.81 -19.03 -9.73
CA GLY B 134 -15.31 -19.65 -8.52
C GLY B 134 -14.95 -18.62 -7.48
N THR B 135 -14.84 -19.08 -6.24
CA THR B 135 -14.35 -18.18 -5.21
C THR B 135 -13.32 -18.91 -4.36
N PHE B 136 -12.33 -18.16 -3.91
CA PHE B 136 -11.26 -18.70 -3.10
C PHE B 136 -10.70 -17.58 -2.25
N THR B 137 -9.86 -17.95 -1.28
CA THR B 137 -9.23 -16.94 -0.43
C THR B 137 -7.72 -17.08 -0.49
N VAL B 138 -7.04 -15.93 -0.37
CA VAL B 138 -5.58 -15.88 -0.41
C VAL B 138 -5.12 -14.91 0.65
N VAL B 139 -3.85 -15.04 1.03
CA VAL B 139 -3.14 -14.02 1.80
CA VAL B 139 -3.18 -13.99 1.80
C VAL B 139 -2.24 -13.22 0.86
N MET B 140 -2.21 -11.91 1.01
CA MET B 140 -1.22 -11.11 0.29
C MET B 140 0.17 -11.50 0.74
N ARG B 141 1.02 -11.90 -0.20
CA ARG B 141 2.38 -12.27 0.18
C ARG B 141 3.23 -11.04 0.49
N PRO B 142 4.32 -11.22 1.23
CA PRO B 142 5.23 -10.09 1.47
C PRO B 142 5.82 -9.50 0.21
N ASN B 143 5.86 -10.23 -0.92
CA ASN B 143 6.36 -9.65 -2.17
C ASN B 143 5.22 -9.13 -3.04
N TYR B 144 4.03 -8.97 -2.46
CA TYR B 144 2.88 -8.34 -3.12
C TYR B 144 2.39 -9.13 -4.32
N THR B 145 2.48 -10.45 -4.22
CA THR B 145 1.80 -11.36 -5.10
C THR B 145 0.81 -12.17 -4.27
N ILE B 146 -0.09 -12.87 -4.96
CA ILE B 146 -0.95 -13.85 -4.32
C ILE B 146 -0.80 -15.17 -5.05
N LYS B 147 -0.97 -16.26 -4.30
CA LYS B 147 -0.94 -17.61 -4.89
C LYS B 147 -2.36 -17.97 -5.29
N GLY B 148 -2.78 -17.48 -6.46
CA GLY B 148 -4.14 -17.59 -6.92
C GLY B 148 -4.34 -18.67 -7.95
N SER B 149 -5.48 -18.59 -8.63
CA SER B 149 -5.83 -19.55 -9.68
C SER B 149 -6.61 -18.72 -10.70
N PHE B 150 -5.92 -18.33 -11.77
CA PHE B 150 -6.44 -17.37 -12.75
C PHE B 150 -5.94 -17.80 -14.11
N LEU B 151 -6.83 -17.82 -15.09
CA LEU B 151 -6.47 -18.15 -16.47
C LEU B 151 -6.70 -16.94 -17.38
N CYS B 152 -6.43 -17.14 -18.66
CA CYS B 152 -6.69 -16.09 -19.64
CA CYS B 152 -6.68 -16.10 -19.64
C CYS B 152 -8.15 -15.67 -19.55
N GLY B 153 -8.38 -14.35 -19.54
CA GLY B 153 -9.72 -13.85 -19.39
C GLY B 153 -10.14 -13.51 -17.98
N SER B 154 -9.29 -13.77 -16.96
CA SER B 154 -9.67 -13.55 -15.57
C SER B 154 -9.47 -12.11 -15.15
N CYS B 155 -8.81 -11.29 -15.96
CA CYS B 155 -8.47 -9.96 -15.48
C CYS B 155 -9.74 -9.19 -15.16
N GLY B 156 -9.66 -8.37 -14.11
CA GLY B 156 -10.82 -7.69 -13.62
C GLY B 156 -11.58 -8.45 -12.56
N SER B 157 -11.25 -9.74 -12.33
CA SER B 157 -11.72 -10.45 -11.15
C SER B 157 -11.36 -9.66 -9.90
N VAL B 158 -12.20 -9.73 -8.86
CA VAL B 158 -12.00 -8.82 -7.74
C VAL B 158 -11.77 -9.58 -6.44
N GLY B 159 -10.99 -8.94 -5.56
CA GLY B 159 -10.80 -9.41 -4.21
C GLY B 159 -11.32 -8.38 -3.21
N TYR B 160 -11.74 -8.87 -2.03
CA TYR B 160 -12.40 -8.00 -1.08
C TYR B 160 -12.38 -8.65 0.30
N THR B 161 -12.52 -7.83 1.32
CA THR B 161 -12.84 -8.24 2.68
C THR B 161 -14.24 -7.72 3.03
N LYS B 162 -14.71 -8.06 4.23
CA LYS B 162 -15.99 -7.56 4.69
C LYS B 162 -15.89 -7.19 6.15
N GLU B 163 -16.54 -6.08 6.52
CA GLU B 163 -16.77 -5.73 7.90
C GLU B 163 -18.25 -5.50 8.07
N GLY B 164 -18.89 -6.32 8.88
CA GLY B 164 -20.34 -6.29 8.94
C GLY B 164 -20.89 -6.53 7.55
N SER B 165 -21.77 -5.63 7.11
CA SER B 165 -22.35 -5.72 5.79
C SER B 165 -21.60 -4.89 4.75
N VAL B 166 -20.45 -4.29 5.10
CA VAL B 166 -19.72 -3.44 4.18
C VAL B 166 -18.64 -4.25 3.47
N ILE B 167 -18.62 -4.17 2.14
CA ILE B 167 -17.62 -4.84 1.33
C ILE B 167 -16.45 -3.89 1.12
N ASN B 168 -15.26 -4.32 1.49
CA ASN B 168 -14.04 -3.51 1.32
C ASN B 168 -13.28 -4.08 0.13
N PHE B 169 -13.47 -3.48 -1.03
CA PHE B 169 -12.79 -3.95 -2.23
C PHE B 169 -11.31 -3.57 -2.15
N CYS B 170 -10.44 -4.56 -2.39
CA CYS B 170 -9.01 -4.35 -2.23
C CYS B 170 -8.16 -4.81 -3.42
N TYR B 171 -8.71 -5.52 -4.40
CA TYR B 171 -7.87 -6.13 -5.42
C TYR B 171 -8.65 -6.24 -6.72
N MET B 172 -8.02 -5.82 -7.82
CA MET B 172 -8.47 -6.12 -9.19
C MET B 172 -7.38 -6.84 -9.96
N HIS B 173 -7.71 -8.02 -10.48
CA HIS B 173 -6.68 -8.88 -11.02
C HIS B 173 -6.11 -8.38 -12.35
N GLN B 174 -4.77 -8.43 -12.46
CA GLN B 174 -4.11 -7.94 -13.67
C GLN B 174 -3.15 -8.90 -14.35
N MET B 175 -2.43 -9.76 -13.62
CA MET B 175 -1.36 -10.47 -14.32
C MET B 175 -0.90 -11.69 -13.54
N GLU B 176 -0.25 -12.59 -14.27
CA GLU B 176 0.40 -13.77 -13.71
C GLU B 176 1.89 -13.65 -13.94
N LEU B 177 2.66 -13.97 -12.91
CA LEU B 177 4.10 -13.85 -12.97
C LEU B 177 4.73 -15.17 -13.43
N ALA B 178 6.05 -15.13 -13.67
CA ALA B 178 6.74 -16.31 -14.20
C ALA B 178 6.68 -17.49 -13.24
N ASN B 179 6.64 -17.24 -11.94
CA ASN B 179 6.60 -18.33 -10.97
C ASN B 179 5.19 -18.82 -10.67
N GLY B 180 4.19 -18.40 -11.44
CA GLY B 180 2.84 -18.89 -11.24
C GLY B 180 1.99 -18.09 -10.27
N THR B 181 2.56 -17.09 -9.60
CA THR B 181 1.79 -16.26 -8.70
C THR B 181 1.16 -15.11 -9.48
N HIS B 182 0.38 -14.30 -8.78
CA HIS B 182 -0.52 -13.32 -9.42
C HIS B 182 -0.40 -11.96 -8.75
N THR B 183 -0.67 -10.91 -9.51
CA THR B 183 -0.83 -9.62 -8.85
C THR B 183 -1.83 -8.77 -9.60
N GLY B 184 -2.13 -7.63 -9.00
CA GLY B 184 -3.19 -6.79 -9.49
C GLY B 184 -3.11 -5.43 -8.85
N SER B 185 -4.20 -4.67 -9.01
CA SER B 185 -4.29 -3.28 -8.59
C SER B 185 -5.15 -3.17 -7.33
N ALA B 186 -4.90 -2.12 -6.56
CA ALA B 186 -5.90 -1.63 -5.64
C ALA B 186 -6.83 -0.69 -6.40
N PHE B 187 -7.94 -0.31 -5.75
CA PHE B 187 -8.90 0.51 -6.47
C PHE B 187 -8.57 1.99 -6.46
N ASP B 188 -7.42 2.37 -5.89
CA ASP B 188 -6.86 3.70 -6.21
C ASP B 188 -6.03 3.64 -7.48
N GLY B 189 -5.96 2.47 -8.12
CA GLY B 189 -5.27 2.30 -9.37
C GLY B 189 -3.80 1.99 -9.26
N THR B 190 -3.24 1.94 -8.05
CA THR B 190 -1.87 1.49 -7.89
C THR B 190 -1.77 -0.03 -8.01
N MET B 191 -0.74 -0.50 -8.70
N MET B 191 -0.75 -0.49 -8.71
CA MET B 191 -0.45 -1.92 -8.63
CA MET B 191 -0.41 -1.91 -8.63
C MET B 191 0.17 -2.25 -7.28
C MET B 191 0.12 -2.22 -7.24
N TYR B 192 -0.16 -3.42 -6.75
CA TYR B 192 0.53 -3.88 -5.56
C TYR B 192 2.01 -4.07 -5.87
N GLY B 193 2.83 -3.80 -4.89
CA GLY B 193 4.27 -3.97 -5.11
C GLY B 193 4.85 -2.99 -6.13
N ALA B 194 5.93 -3.44 -6.79
CA ALA B 194 6.60 -2.64 -7.80
C ALA B 194 6.21 -3.05 -9.22
N PHE B 195 5.10 -3.75 -9.38
CA PHE B 195 4.74 -4.28 -10.69
C PHE B 195 4.13 -3.21 -11.57
N MET B 196 4.27 -3.42 -12.88
CA MET B 196 3.70 -2.54 -13.90
C MET B 196 2.82 -3.35 -14.84
N ASP B 197 1.73 -2.74 -15.30
CA ASP B 197 0.75 -3.45 -16.13
C ASP B 197 1.15 -3.40 -17.60
N LYS B 198 2.24 -4.08 -17.92
CA LYS B 198 2.51 -4.34 -19.33
C LYS B 198 3.14 -5.71 -19.51
N GLN B 199 3.06 -6.17 -20.76
CA GLN B 199 3.48 -7.52 -21.12
C GLN B 199 5.00 -7.52 -21.30
N VAL B 200 5.70 -7.40 -20.18
CA VAL B 200 7.14 -7.50 -20.16
C VAL B 200 7.51 -8.30 -18.91
N HIS B 201 8.49 -9.18 -19.04
CA HIS B 201 8.88 -10.01 -17.91
C HIS B 201 9.49 -9.12 -16.83
N GLN B 202 9.10 -9.35 -15.58
CA GLN B 202 9.39 -8.38 -14.53
C GLN B 202 10.09 -9.01 -13.33
N VAL B 203 10.97 -8.21 -12.73
CA VAL B 203 11.69 -8.58 -11.52
C VAL B 203 10.69 -8.73 -10.39
N GLN B 204 10.40 -9.98 -10.01
CA GLN B 204 9.51 -10.25 -8.89
C GLN B 204 10.35 -10.61 -7.68
N LEU B 205 10.03 -9.99 -6.54
CA LEU B 205 10.94 -9.96 -5.41
C LEU B 205 10.79 -11.21 -4.55
N THR B 206 11.75 -11.39 -3.65
CA THR B 206 11.76 -12.56 -2.78
C THR B 206 10.54 -12.58 -1.87
N ASP B 207 9.96 -13.76 -1.69
CA ASP B 207 8.89 -13.93 -0.71
C ASP B 207 9.52 -14.25 0.65
N LYS B 208 8.66 -14.21 1.67
CA LYS B 208 9.06 -14.43 3.06
C LYS B 208 7.94 -15.19 3.75
N TYR B 209 8.27 -15.92 4.81
CA TYR B 209 7.23 -16.41 5.71
C TYR B 209 6.60 -15.25 6.47
N CYS B 210 5.28 -15.29 6.63
CA CYS B 210 4.56 -14.27 7.40
CA CYS B 210 4.58 -14.27 7.39
C CYS B 210 4.54 -14.69 8.86
N SER B 211 5.40 -14.08 9.66
N SER B 211 5.40 -14.08 9.67
CA SER B 211 5.57 -14.53 11.04
CA SER B 211 5.59 -14.53 11.05
C SER B 211 4.28 -14.46 11.82
C SER B 211 4.31 -14.41 11.89
N VAL B 212 3.50 -13.38 11.67
CA VAL B 212 2.28 -13.25 12.46
C VAL B 212 1.32 -14.40 12.16
N ASN B 213 1.32 -14.86 10.91
CA ASN B 213 0.45 -15.98 10.56
C ASN B 213 1.00 -17.32 11.03
N VAL B 214 2.33 -17.49 11.04
CA VAL B 214 2.87 -18.71 11.62
C VAL B 214 2.54 -18.77 13.10
N VAL B 215 2.61 -17.62 13.79
CA VAL B 215 2.21 -17.57 15.20
C VAL B 215 0.74 -17.98 15.35
N ALA B 216 -0.14 -17.44 14.49
CA ALA B 216 -1.55 -17.82 14.54
C ALA B 216 -1.72 -19.33 14.41
N TRP B 217 -0.97 -19.94 13.49
CA TRP B 217 -1.13 -21.36 13.22
C TRP B 217 -0.63 -22.21 14.39
N LEU B 218 0.45 -21.77 15.03
CA LEU B 218 0.91 -22.48 16.23
C LEU B 218 -0.13 -22.35 17.36
N TYR B 219 -0.79 -21.20 17.46
CA TYR B 219 -1.89 -21.07 18.42
C TYR B 219 -3.05 -22.01 18.06
N ALA B 220 -3.37 -22.12 16.76
CA ALA B 220 -4.37 -23.10 16.35
C ALA B 220 -3.99 -24.50 16.78
N ALA B 221 -2.69 -24.84 16.66
CA ALA B 221 -2.25 -26.17 17.10
C ALA B 221 -2.48 -26.34 18.59
N ILE B 222 -2.11 -25.33 19.39
CA ILE B 222 -2.28 -25.42 20.84
C ILE B 222 -3.75 -25.54 21.20
N LEU B 223 -4.61 -24.76 20.55
CA LEU B 223 -6.05 -24.86 20.80
C LEU B 223 -6.58 -26.26 20.51
N ASN B 224 -5.91 -26.99 19.61
CA ASN B 224 -6.31 -28.34 19.22
C ASN B 224 -5.61 -29.41 20.05
N GLY B 225 -4.87 -29.03 21.08
CA GLY B 225 -4.21 -29.99 21.93
C GLY B 225 -2.84 -30.41 21.46
N CYS B 226 -2.26 -29.68 20.51
CA CYS B 226 -0.98 -30.04 19.88
C CYS B 226 0.04 -28.98 20.30
N ALA B 227 0.74 -29.22 21.42
CA ALA B 227 1.59 -28.19 22.00
C ALA B 227 2.96 -28.72 22.41
N TRP B 228 3.43 -29.79 21.76
CA TRP B 228 4.72 -30.39 22.10
C TRP B 228 5.88 -29.42 21.91
N PHE B 229 5.74 -28.45 21.02
CA PHE B 229 6.78 -27.47 20.70
C PHE B 229 6.83 -26.30 21.69
N VAL B 230 5.94 -26.23 22.66
CA VAL B 230 5.91 -25.11 23.60
C VAL B 230 6.87 -25.42 24.75
N LYS B 231 7.80 -24.50 25.00
CA LYS B 231 8.72 -24.60 26.14
C LYS B 231 8.60 -23.34 27.01
N PRO B 232 9.17 -23.34 28.21
CA PRO B 232 9.26 -22.08 28.96
C PRO B 232 10.07 -21.02 28.24
N ASN B 233 10.96 -21.42 27.33
CA ASN B 233 11.86 -20.47 26.69
C ASN B 233 11.08 -19.44 25.87
N ARG B 234 11.58 -18.20 25.88
CA ARG B 234 10.97 -17.09 25.17
C ARG B 234 12.03 -16.36 24.35
N THR B 235 11.58 -15.78 23.25
CA THR B 235 12.35 -14.83 22.46
C THR B 235 11.56 -13.53 22.36
N SER B 236 12.19 -12.42 22.73
CA SER B 236 11.46 -11.16 22.67
C SER B 236 11.15 -10.78 21.24
N VAL B 237 10.15 -9.91 21.08
CA VAL B 237 9.82 -9.43 19.74
C VAL B 237 11.04 -8.77 19.09
N VAL B 238 11.78 -7.94 19.84
CA VAL B 238 12.91 -7.25 19.23
CA VAL B 238 12.94 -7.25 19.28
C VAL B 238 13.96 -8.25 18.77
N SER B 239 14.25 -9.27 19.59
N SER B 239 14.25 -9.28 19.58
CA SER B 239 15.25 -10.25 19.21
CA SER B 239 15.27 -10.25 19.20
C SER B 239 14.75 -11.14 18.07
C SER B 239 14.77 -11.19 18.10
N PHE B 240 13.48 -11.54 18.11
CA PHE B 240 12.92 -12.31 17.00
C PHE B 240 13.00 -11.52 15.70
N ASN B 241 12.72 -10.22 15.76
CA ASN B 241 12.69 -9.45 14.53
C ASN B 241 14.07 -9.31 13.91
N GLU B 242 15.13 -9.26 14.72
CA GLU B 242 16.47 -9.30 14.15
C GLU B 242 16.72 -10.63 13.45
N TRP B 243 16.28 -11.72 14.09
CA TRP B 243 16.43 -13.05 13.52
C TRP B 243 15.60 -13.20 12.25
N ALA B 244 14.40 -12.60 12.24
CA ALA B 244 13.52 -12.71 11.08
C ALA B 244 14.17 -12.14 9.83
N LEU B 245 14.85 -10.98 9.97
CA LEU B 245 15.51 -10.39 8.82
C LEU B 245 16.64 -11.26 8.28
N ALA B 246 17.23 -12.10 9.13
CA ALA B 246 18.30 -12.98 8.71
C ALA B 246 17.80 -14.33 8.20
N ASN B 247 16.48 -14.59 8.28
CA ASN B 247 15.97 -15.93 8.00
C ASN B 247 14.73 -15.92 7.13
N GLN B 248 14.53 -14.86 6.35
CA GLN B 248 13.46 -14.79 5.36
C GLN B 248 12.08 -14.85 6.00
N PHE B 249 11.95 -14.28 7.20
CA PHE B 249 10.65 -14.06 7.83
C PHE B 249 10.33 -12.58 7.86
N THR B 250 9.03 -12.27 7.79
CA THR B 250 8.61 -10.91 8.07
C THR B 250 8.84 -10.59 9.55
N GLU B 251 9.01 -9.31 9.83
CA GLU B 251 9.06 -8.87 11.22
C GLU B 251 7.69 -9.02 11.85
N PHE B 252 7.69 -9.42 13.12
CA PHE B 252 6.45 -9.68 13.84
C PHE B 252 5.95 -8.38 14.47
N VAL B 253 4.67 -8.09 14.25
CA VAL B 253 3.99 -6.98 14.89
C VAL B 253 2.70 -7.56 15.48
N GLY B 254 2.61 -7.56 16.80
CA GLY B 254 1.45 -8.12 17.45
C GLY B 254 0.22 -7.25 17.32
N THR B 255 -0.94 -7.90 17.39
CA THR B 255 -2.23 -7.26 17.23
C THR B 255 -3.14 -7.76 18.35
N GLN B 256 -4.27 -7.07 18.53
CA GLN B 256 -5.25 -7.51 19.51
C GLN B 256 -5.77 -8.91 19.19
N SER B 257 -5.82 -9.28 17.91
CA SER B 257 -6.25 -10.62 17.53
CA SER B 257 -6.26 -10.62 17.53
C SER B 257 -5.26 -11.67 18.01
N VAL B 258 -3.96 -11.42 17.83
CA VAL B 258 -2.96 -12.34 18.37
C VAL B 258 -3.06 -12.38 19.89
N ASP B 259 -3.27 -11.21 20.50
CA ASP B 259 -3.36 -11.15 21.97
C ASP B 259 -4.49 -12.02 22.50
N MET B 260 -5.64 -12.06 21.81
CA MET B 260 -6.70 -12.93 22.34
C MET B 260 -6.35 -14.41 22.20
N LEU B 261 -5.55 -14.79 21.21
CA LEU B 261 -5.08 -16.17 21.16
C LEU B 261 -4.16 -16.49 22.32
N ALA B 262 -3.29 -15.54 22.69
CA ALA B 262 -2.40 -15.74 23.83
C ALA B 262 -3.21 -15.92 25.11
N VAL B 263 -4.27 -15.13 25.29
CA VAL B 263 -5.10 -15.27 26.48
C VAL B 263 -5.83 -16.60 26.47
N LYS B 264 -6.37 -17.02 25.32
CA LYS B 264 -7.18 -18.24 25.30
C LYS B 264 -6.32 -19.48 25.54
N THR B 265 -5.08 -19.50 25.06
CA THR B 265 -4.25 -20.67 25.19
C THR B 265 -3.35 -20.66 26.41
N GLY B 266 -3.12 -19.49 27.01
CA GLY B 266 -2.18 -19.37 28.10
C GLY B 266 -0.73 -19.43 27.69
N VAL B 267 -0.44 -19.31 26.40
CA VAL B 267 0.91 -19.36 25.86
C VAL B 267 1.25 -17.96 25.35
N ALA B 268 2.37 -17.43 25.82
CA ALA B 268 2.78 -16.09 25.45
C ALA B 268 3.33 -16.05 24.02
N ILE B 269 3.17 -14.89 23.38
CA ILE B 269 3.70 -14.69 22.03
C ILE B 269 5.17 -15.05 21.97
N GLU B 270 5.92 -14.64 22.99
CA GLU B 270 7.37 -14.84 22.97
C GLU B 270 7.74 -16.32 23.06
N GLN B 271 6.89 -17.14 23.66
CA GLN B 271 7.15 -18.57 23.64
C GLN B 271 7.07 -19.11 22.22
N LEU B 272 6.12 -18.62 21.43
CA LEU B 272 5.97 -19.11 20.07
C LEU B 272 7.03 -18.52 19.16
N LEU B 273 7.48 -17.29 19.42
CA LEU B 273 8.61 -16.78 18.65
C LEU B 273 9.84 -17.67 18.85
N TYR B 274 10.08 -18.09 20.09
CA TYR B 274 11.15 -19.05 20.31
C TYR B 274 10.89 -20.36 19.57
N ALA B 275 9.65 -20.85 19.63
CA ALA B 275 9.34 -22.11 18.96
C ALA B 275 9.60 -22.02 17.46
N ILE B 276 9.24 -20.89 16.84
CA ILE B 276 9.42 -20.75 15.41
C ILE B 276 10.90 -20.87 15.06
N GLN B 277 11.78 -20.21 15.83
CA GLN B 277 13.21 -20.29 15.56
C GLN B 277 13.69 -21.73 15.59
N GLN B 278 13.22 -22.51 16.56
CA GLN B 278 13.64 -23.91 16.65
C GLN B 278 13.02 -24.74 15.54
N LEU B 279 11.71 -24.55 15.30
CA LEU B 279 11.02 -25.34 14.28
C LEU B 279 11.58 -25.06 12.89
N TYR B 280 12.04 -23.84 12.65
CA TYR B 280 12.56 -23.49 11.33
C TYR B 280 13.80 -24.30 10.99
N THR B 281 14.59 -24.70 12.00
CA THR B 281 15.74 -25.56 11.76
C THR B 281 15.36 -27.02 11.58
N GLY B 282 14.09 -27.38 11.78
CA GLY B 282 13.63 -28.73 11.55
C GLY B 282 12.57 -29.19 12.53
N PHE B 283 11.58 -29.94 12.03
CA PHE B 283 10.56 -30.53 12.89
C PHE B 283 11.03 -31.78 13.59
N GLN B 284 12.20 -32.30 13.22
CA GLN B 284 12.80 -33.47 13.87
C GLN B 284 11.91 -34.69 13.74
N GLY B 285 11.34 -34.88 12.55
CA GLY B 285 10.48 -36.02 12.28
C GLY B 285 9.05 -35.88 12.75
N LYS B 286 8.74 -34.89 13.58
CA LYS B 286 7.40 -34.72 14.11
C LYS B 286 6.52 -33.89 13.17
N GLN B 287 5.24 -33.81 13.52
CA GLN B 287 4.28 -33.03 12.76
C GLN B 287 3.54 -32.07 13.67
N ILE B 288 3.03 -31.01 13.08
CA ILE B 288 2.12 -30.09 13.74
C ILE B 288 0.89 -29.95 12.86
N LEU B 289 -0.28 -30.32 13.38
CA LEU B 289 -1.52 -30.19 12.63
C LEU B 289 -1.39 -30.85 11.26
N GLY B 290 -0.74 -32.01 11.23
CA GLY B 290 -0.58 -32.77 10.01
C GLY B 290 0.51 -32.30 9.08
N SER B 291 1.32 -31.34 9.48
CA SER B 291 2.30 -30.72 8.61
C SER B 291 3.71 -30.91 9.14
N THR B 292 4.67 -31.02 8.23
CA THR B 292 6.09 -31.05 8.55
C THR B 292 6.78 -29.73 8.21
N MET B 293 6.01 -28.70 7.86
CA MET B 293 6.58 -27.36 7.64
C MET B 293 5.68 -26.32 8.27
N LEU B 294 6.24 -25.14 8.49
CA LEU B 294 5.48 -24.03 9.03
C LEU B 294 4.42 -23.59 8.02
N GLU B 295 3.25 -23.24 8.55
CA GLU B 295 2.12 -22.77 7.76
C GLU B 295 1.88 -21.29 8.02
N ASP B 296 1.85 -20.47 6.95
CA ASP B 296 1.62 -19.05 7.15
C ASP B 296 0.42 -18.55 6.35
N GLU B 297 -0.50 -19.43 5.93
CA GLU B 297 -1.65 -19.00 5.15
C GLU B 297 -2.93 -18.84 5.96
N PHE B 298 -2.87 -18.98 7.28
CA PHE B 298 -3.98 -18.67 8.16
C PHE B 298 -3.62 -17.51 9.07
N THR B 299 -4.52 -16.55 9.19
CA THR B 299 -4.31 -15.33 9.97
C THR B 299 -4.76 -15.51 11.41
N PRO B 300 -4.35 -14.60 12.29
CA PRO B 300 -4.91 -14.62 13.66
C PRO B 300 -6.43 -14.52 13.65
N GLU B 301 -6.98 -13.71 12.76
CA GLU B 301 -8.43 -13.58 12.68
C GLU B 301 -9.08 -14.90 12.24
N ASP B 302 -8.46 -15.61 11.28
CA ASP B 302 -8.95 -16.94 10.89
C ASP B 302 -9.06 -17.85 12.09
N VAL B 303 -8.01 -17.91 12.91
CA VAL B 303 -8.01 -18.83 14.04
C VAL B 303 -9.04 -18.40 15.08
N ASN B 304 -9.11 -17.10 15.37
CA ASN B 304 -10.12 -16.61 16.30
C ASN B 304 -11.54 -16.94 15.83
N MET B 305 -11.80 -16.75 14.52
CA MET B 305 -13.14 -16.91 13.97
C MET B 305 -13.49 -18.39 13.83
N GLN B 306 -12.61 -19.18 13.21
CA GLN B 306 -13.00 -20.53 12.84
C GLN B 306 -12.97 -21.49 14.01
N ILE B 307 -12.06 -21.29 14.97
CA ILE B 307 -11.95 -22.20 16.10
C ILE B 307 -12.66 -21.67 17.33
N MET B 308 -12.60 -20.38 17.61
CA MET B 308 -13.26 -19.82 18.78
C MET B 308 -14.55 -19.08 18.49
N GLY B 309 -14.95 -18.95 17.22
CA GLY B 309 -16.19 -18.25 16.92
C GLY B 309 -16.20 -16.79 17.28
N VAL B 310 -15.07 -16.11 17.08
CA VAL B 310 -14.88 -14.72 17.50
C VAL B 310 -14.59 -13.87 16.27
N VAL B 311 -15.57 -13.06 15.87
CA VAL B 311 -15.40 -12.19 14.71
C VAL B 311 -14.53 -10.97 15.07
#